data_3K94
#
_entry.id   3K94
#
_cell.length_a   68.422
_cell.length_b   73.652
_cell.length_c   82.657
_cell.angle_alpha   90.00
_cell.angle_beta   90.00
_cell.angle_gamma   90.00
#
_symmetry.space_group_name_H-M   'P 21 21 21'
#
loop_
_entity.id
_entity.type
_entity.pdbx_description
1 polymer 'Thiamin pyrophosphokinase'
2 water water
#
_entity_poly.entity_id   1
_entity_poly.type   'polypeptide(L)'
_entity_poly.pdbx_seq_one_letter_code
;(MSE)IIHIVGGGPRELLPDLRFYDGEDV(CSO)WVGVDRGT(MSE)TLLEAGFRPVRAFGDFDSLPAEDVVKLQQAFPD
LDVWPAEKDKTD(MSE)EIALDWAVEQTAR(CSO)IRLFGATGGRLDHLFGNVELLLKYADRPIEIVDRQNVLTVHLPGT
YTV(MSE)YDARYCYVSYIPVSETVAEFTLTGFKYPLTN(CSO)HISRGSTL(CSO)ISNELIQSSGTFSFSEGIL
(MSE)(MSE)IRSSDSSCLLEHHHHHH
;
_entity_poly.pdbx_strand_id   A,B
#
# COMPACT_ATOMS: atom_id res chain seq x y z
N MSE A 1 -21.23 -9.93 18.85
CA MSE A 1 -20.62 -10.73 19.91
C MSE A 1 -19.51 -11.64 19.38
O MSE A 1 -19.65 -12.24 18.31
CB MSE A 1 -21.65 -11.59 20.61
CG MSE A 1 -21.05 -12.74 21.42
SE MSE A 1 -22.47 -13.94 21.97
CE MSE A 1 -23.45 -12.67 23.09
N ILE A 2 -18.44 -11.73 20.14
CA ILE A 2 -17.32 -12.61 19.80
C ILE A 2 -17.08 -13.59 20.95
N ILE A 3 -16.92 -14.86 20.62
CA ILE A 3 -16.68 -15.88 21.64
C ILE A 3 -15.26 -16.43 21.54
N HIS A 4 -14.53 -16.32 22.64
CA HIS A 4 -13.16 -16.78 22.70
C HIS A 4 -13.05 -17.90 23.72
N ILE A 5 -12.70 -19.09 23.23
CA ILE A 5 -12.67 -20.26 24.07
C ILE A 5 -11.21 -20.62 24.31
N VAL A 6 -10.86 -20.76 25.59
CA VAL A 6 -9.51 -21.10 25.97
C VAL A 6 -9.45 -22.51 26.54
N GLY A 7 -8.85 -23.42 25.78
CA GLY A 7 -8.71 -24.81 26.20
C GLY A 7 -7.45 -25.05 27.01
N GLY A 8 -7.13 -26.32 27.26
CA GLY A 8 -6.03 -26.67 28.14
C GLY A 8 -4.74 -27.15 27.51
N GLY A 9 -4.50 -26.80 26.25
CA GLY A 9 -3.23 -27.15 25.61
C GLY A 9 -2.06 -26.40 26.22
N PRO A 10 -0.83 -26.78 25.87
CA PRO A 10 0.39 -26.13 26.40
C PRO A 10 0.27 -24.60 26.42
N ARG A 11 0.40 -24.04 27.62
CA ARG A 11 0.28 -22.62 27.87
C ARG A 11 1.23 -21.75 27.02
N GLU A 12 2.42 -22.26 26.69
CA GLU A 12 3.38 -21.44 25.98
C GLU A 12 2.95 -21.17 24.53
N LEU A 13 1.99 -21.95 24.02
CA LEU A 13 1.59 -21.79 22.63
C LEU A 13 0.54 -20.69 22.44
N LEU A 14 0.01 -20.20 23.54
CA LEU A 14 -1.00 -19.14 23.45
C LEU A 14 -0.37 -17.82 23.01
N PRO A 15 -1.06 -17.07 22.14
CA PRO A 15 -0.66 -15.67 21.98
C PRO A 15 -1.00 -14.89 23.26
N ASP A 16 -0.58 -13.64 23.33
CA ASP A 16 -0.95 -12.75 24.43
C ASP A 16 -2.46 -12.42 24.34
N LEU A 17 -3.26 -12.97 25.25
CA LEU A 17 -4.71 -12.87 25.14
C LEU A 17 -5.25 -11.44 25.29
N ARG A 18 -4.50 -10.56 25.94
CA ARG A 18 -4.88 -9.15 26.01
C ARG A 18 -5.13 -8.55 24.64
N PHE A 19 -4.44 -9.06 23.63
CA PHE A 19 -4.57 -8.54 22.28
C PHE A 19 -5.82 -9.08 21.62
N TYR A 20 -6.47 -10.03 22.29
CA TYR A 20 -7.64 -10.66 21.76
C TYR A 20 -8.87 -10.34 22.58
N ASP A 21 -8.72 -9.47 23.56
CA ASP A 21 -9.85 -9.08 24.40
C ASP A 21 -10.56 -7.88 23.82
N GLY A 22 -11.83 -7.71 24.19
CA GLY A 22 -12.60 -6.58 23.75
C GLY A 22 -13.95 -6.54 24.44
N GLU A 23 -14.65 -5.42 24.29
CA GLU A 23 -15.93 -5.25 24.95
C GLU A 23 -16.92 -6.29 24.45
N ASP A 24 -16.81 -6.64 23.17
CA ASP A 24 -17.73 -7.57 22.55
C ASP A 24 -17.27 -9.03 22.69
N VAL A 25 -16.22 -9.26 23.47
CA VAL A 25 -15.67 -10.61 23.64
C VAL A 25 -16.18 -11.32 24.90
N CSO A 26 -16.86 -12.45 24.71
CA CSO A 26 -17.25 -13.35 25.80
CB CSO A 26 -18.66 -13.97 25.68
SG CSO A 26 -20.09 -12.85 25.45
C CSO A 26 -16.19 -14.44 25.84
O CSO A 26 -16.00 -15.17 24.89
OD CSO A 26 -19.99 -11.86 26.80
N TRP A 27 -15.47 -14.54 26.97
CA TRP A 27 -14.47 -15.59 27.14
C TRP A 27 -15.08 -16.83 27.76
N VAL A 28 -14.57 -17.99 27.35
CA VAL A 28 -15.06 -19.28 27.81
C VAL A 28 -13.90 -20.19 28.16
N GLY A 29 -13.94 -20.78 29.35
CA GLY A 29 -12.85 -21.62 29.83
C GLY A 29 -13.13 -23.07 29.57
N VAL A 30 -12.09 -23.81 29.16
CA VAL A 30 -12.20 -25.26 29.02
C VAL A 30 -11.02 -25.93 29.72
N ASP A 31 -11.32 -26.79 30.70
CA ASP A 31 -10.25 -27.44 31.43
C ASP A 31 -9.40 -26.40 32.13
N ARG A 32 -8.10 -26.64 32.13
CA ARG A 32 -7.08 -25.70 32.58
C ARG A 32 -7.17 -24.33 31.92
N GLY A 33 -7.85 -24.24 30.78
CA GLY A 33 -8.01 -22.97 30.11
C GLY A 33 -8.59 -21.91 31.04
N THR A 34 -9.44 -22.36 31.95
CA THR A 34 -10.09 -21.47 32.91
C THR A 34 -9.08 -20.78 33.82
N MSE A 35 -8.04 -21.51 34.21
CA MSE A 35 -6.96 -20.96 35.03
C MSE A 35 -6.18 -19.90 34.26
O MSE A 35 -5.76 -18.89 34.83
CB MSE A 35 -5.99 -22.07 35.43
CG MSE A 35 -6.64 -23.22 36.16
SE MSE A 35 -7.63 -22.62 37.72
CE MSE A 35 -6.21 -21.60 38.62
N THR A 36 -5.98 -20.14 32.98
CA THR A 36 -5.25 -19.21 32.14
C THR A 36 -6.03 -17.91 32.06
N LEU A 37 -7.35 -18.02 31.93
CA LEU A 37 -8.21 -16.84 31.86
C LEU A 37 -8.16 -16.05 33.16
N LEU A 38 -8.25 -16.76 34.29
CA LEU A 38 -8.22 -16.06 35.57
C LEU A 38 -6.89 -15.35 35.79
N GLU A 39 -5.80 -16.01 35.44
CA GLU A 39 -4.48 -15.39 35.54
C GLU A 39 -4.37 -14.16 34.66
N ALA A 40 -5.04 -14.19 33.51
CA ALA A 40 -5.02 -13.07 32.60
C ALA A 40 -5.93 -11.94 33.09
N GLY A 41 -6.78 -12.26 34.06
CA GLY A 41 -7.74 -11.30 34.60
C GLY A 41 -9.03 -11.18 33.83
N PHE A 42 -9.38 -12.21 33.06
CA PHE A 42 -10.65 -12.24 32.35
C PHE A 42 -11.54 -13.28 33.00
N ARG A 43 -12.67 -12.87 33.57
CA ARG A 43 -13.63 -13.85 34.05
C ARG A 43 -14.45 -14.41 32.91
N PRO A 44 -14.48 -15.74 32.76
CA PRO A 44 -15.26 -16.44 31.73
C PRO A 44 -16.73 -16.37 32.06
N VAL A 45 -17.59 -16.22 31.05
CA VAL A 45 -19.02 -16.20 31.26
C VAL A 45 -19.47 -17.64 31.52
N ARG A 46 -18.59 -18.59 31.22
CA ARG A 46 -18.95 -20.00 31.32
C ARG A 46 -17.70 -20.85 31.18
N ALA A 47 -17.67 -21.98 31.88
CA ALA A 47 -16.54 -22.91 31.80
C ALA A 47 -17.02 -24.33 31.60
N PHE A 48 -16.20 -25.15 30.96
CA PHE A 48 -16.57 -26.53 30.64
C PHE A 48 -15.50 -27.49 31.13
N GLY A 49 -15.91 -28.54 31.83
CA GLY A 49 -14.98 -29.53 32.33
C GLY A 49 -15.22 -29.91 33.79
N ASP A 50 -14.37 -30.76 34.34
CA ASP A 50 -14.51 -31.19 35.73
C ASP A 50 -13.38 -30.61 36.57
N PHE A 51 -13.65 -30.43 37.87
CA PHE A 51 -12.63 -29.95 38.79
C PHE A 51 -11.61 -31.04 39.10
N ASP A 52 -12.04 -32.29 39.00
CA ASP A 52 -11.13 -33.43 39.14
C ASP A 52 -9.99 -33.30 38.13
N SER A 53 -10.29 -32.68 37.00
CA SER A 53 -9.36 -32.58 35.88
C SER A 53 -8.27 -31.53 36.10
N LEU A 54 -8.41 -30.75 37.17
CA LEU A 54 -7.48 -29.65 37.43
C LEU A 54 -6.45 -30.03 38.48
N PRO A 55 -5.25 -29.43 38.42
CA PRO A 55 -4.26 -29.58 39.49
C PRO A 55 -4.81 -29.13 40.85
N ALA A 56 -4.40 -29.82 41.91
CA ALA A 56 -4.97 -29.64 43.24
C ALA A 56 -5.10 -28.18 43.70
N GLU A 57 -3.98 -27.47 43.65
CA GLU A 57 -3.94 -26.08 44.11
C GLU A 57 -4.85 -25.21 43.25
N ASP A 58 -4.98 -25.57 41.97
CA ASP A 58 -5.78 -24.80 41.04
C ASP A 58 -7.26 -24.87 41.37
N VAL A 59 -7.70 -26.04 41.82
CA VAL A 59 -9.10 -26.22 42.22
C VAL A 59 -9.41 -25.35 43.44
N VAL A 60 -8.43 -25.23 44.33
CA VAL A 60 -8.55 -24.33 45.48
C VAL A 60 -8.59 -22.90 44.98
N LYS A 61 -7.52 -22.51 44.28
CA LYS A 61 -7.35 -21.18 43.71
C LYS A 61 -8.58 -20.68 42.96
N LEU A 62 -9.24 -21.59 42.23
CA LEU A 62 -10.42 -21.25 41.43
C LEU A 62 -11.68 -21.21 42.29
N GLN A 63 -11.87 -22.24 43.11
CA GLN A 63 -13.04 -22.32 43.98
C GLN A 63 -12.94 -21.32 45.12
N GLN A 64 -11.80 -20.66 45.24
CA GLN A 64 -11.53 -19.75 46.35
C GLN A 64 -11.86 -18.31 45.97
N ALA A 65 -11.62 -17.96 44.71
CA ALA A 65 -11.83 -16.60 44.27
C ALA A 65 -12.99 -16.48 43.28
N PHE A 66 -13.39 -17.59 42.69
CA PHE A 66 -14.51 -17.60 41.74
C PHE A 66 -15.45 -18.80 41.88
N PRO A 67 -16.09 -18.92 43.05
CA PRO A 67 -16.97 -20.06 43.40
C PRO A 67 -18.25 -20.07 42.59
N ASP A 68 -18.73 -18.88 42.18
CA ASP A 68 -19.96 -18.78 41.42
C ASP A 68 -19.78 -19.02 39.91
N LEU A 69 -18.61 -19.50 39.54
CA LEU A 69 -18.36 -19.81 38.13
C LEU A 69 -19.33 -20.88 37.62
N ASP A 70 -19.97 -20.59 36.49
CA ASP A 70 -20.90 -21.51 35.84
C ASP A 70 -20.14 -22.61 35.09
N VAL A 71 -20.05 -23.80 35.70
CA VAL A 71 -19.27 -24.90 35.12
C VAL A 71 -20.15 -26.03 34.60
N TRP A 72 -19.94 -26.41 33.34
CA TRP A 72 -20.71 -27.48 32.70
C TRP A 72 -19.86 -28.73 32.51
N PRO A 73 -20.29 -29.85 33.13
CA PRO A 73 -19.50 -31.07 33.18
C PRO A 73 -19.24 -31.66 31.80
N ALA A 74 -18.19 -32.46 31.69
CA ALA A 74 -17.94 -33.20 30.46
C ALA A 74 -19.15 -34.07 30.11
N GLU A 75 -19.27 -34.44 28.84
CA GLU A 75 -20.39 -35.28 28.42
C GLU A 75 -19.92 -36.56 27.73
N LYS A 76 -20.90 -37.43 27.44
CA LYS A 76 -20.68 -38.73 26.82
C LYS A 76 -19.95 -38.66 25.49
N ASP A 77 -18.78 -39.29 25.42
CA ASP A 77 -18.05 -39.39 24.16
C ASP A 77 -17.88 -38.04 23.46
N LYS A 78 -17.65 -36.98 24.24
CA LYS A 78 -17.42 -35.64 23.71
C LYS A 78 -16.28 -35.00 24.48
N THR A 79 -15.38 -34.31 23.78
CA THR A 79 -14.35 -33.56 24.48
C THR A 79 -14.98 -32.32 25.11
N ASP A 80 -14.28 -31.74 26.08
CA ASP A 80 -14.77 -30.54 26.76
C ASP A 80 -14.83 -29.40 25.75
N MSE A 81 -13.86 -29.39 24.85
CA MSE A 81 -13.81 -28.40 23.79
C MSE A 81 -15.06 -28.52 22.92
O MSE A 81 -15.66 -27.51 22.52
CB MSE A 81 -12.53 -28.56 22.95
CG MSE A 81 -12.38 -27.51 21.87
SE MSE A 81 -12.18 -25.70 22.58
CE MSE A 81 -10.33 -25.75 23.13
N GLU A 82 -15.45 -29.77 22.65
CA GLU A 82 -16.64 -30.02 21.85
C GLU A 82 -17.91 -29.43 22.47
N ILE A 83 -18.16 -29.76 23.71
CA ILE A 83 -19.38 -29.25 24.35
C ILE A 83 -19.35 -27.73 24.41
N ALA A 84 -18.17 -27.16 24.64
CA ALA A 84 -18.02 -25.69 24.65
C ALA A 84 -18.37 -25.07 23.29
N LEU A 85 -17.80 -25.63 22.22
CA LEU A 85 -18.09 -25.13 20.88
C LEU A 85 -19.57 -25.38 20.51
N ASP A 86 -20.11 -26.52 20.91
CA ASP A 86 -21.50 -26.82 20.61
C ASP A 86 -22.38 -25.71 21.15
N TRP A 87 -22.07 -25.25 22.35
CA TRP A 87 -22.75 -24.11 22.95
C TRP A 87 -22.45 -22.79 22.22
N ALA A 88 -21.17 -22.52 21.97
CA ALA A 88 -20.78 -21.28 21.31
C ALA A 88 -21.49 -21.09 19.97
N VAL A 89 -21.56 -22.15 19.19
CA VAL A 89 -22.19 -22.11 17.88
C VAL A 89 -23.69 -21.77 17.96
N GLU A 90 -24.33 -22.11 19.08
CA GLU A 90 -25.74 -21.78 19.30
C GLU A 90 -25.99 -20.29 19.64
N GLN A 91 -24.95 -19.50 19.87
CA GLN A 91 -25.15 -18.14 20.36
C GLN A 91 -25.15 -17.07 19.28
N THR A 92 -25.16 -17.49 18.02
CA THR A 92 -25.14 -16.52 16.92
C THR A 92 -24.03 -15.48 17.13
N ALA A 93 -22.80 -15.95 17.13
CA ALA A 93 -21.64 -15.07 17.25
C ALA A 93 -21.07 -14.75 15.88
N ARG A 94 -20.49 -13.56 15.75
CA ARG A 94 -19.82 -13.10 14.55
C ARG A 94 -18.52 -13.85 14.30
N CSO A 95 -17.87 -14.29 15.37
CA CSO A 95 -16.59 -15.02 15.28
CB CSO A 95 -15.38 -14.11 15.00
SG CSO A 95 -13.82 -15.01 14.75
C CSO A 95 -16.39 -15.86 16.54
O CSO A 95 -16.76 -15.48 17.64
OD CSO A 95 -13.96 -15.66 13.19
N ILE A 96 -15.82 -17.04 16.35
CA ILE A 96 -15.48 -17.92 17.48
C ILE A 96 -14.02 -18.33 17.29
N ARG A 97 -13.21 -18.09 18.33
CA ARG A 97 -11.81 -18.43 18.27
C ARG A 97 -11.46 -19.41 19.38
N LEU A 98 -10.75 -20.47 19.00
CA LEU A 98 -10.27 -21.46 19.97
C LEU A 98 -8.77 -21.25 20.23
N PHE A 99 -8.44 -20.87 21.47
CA PHE A 99 -7.07 -20.80 21.94
C PHE A 99 -6.74 -22.04 22.76
N GLY A 100 -5.46 -22.31 22.95
CA GLY A 100 -5.05 -23.47 23.73
C GLY A 100 -5.56 -24.76 23.13
N ALA A 101 -5.77 -24.75 21.81
CA ALA A 101 -6.27 -25.93 21.10
C ALA A 101 -5.18 -26.66 20.29
N THR A 102 -3.96 -26.13 20.25
CA THR A 102 -2.86 -26.76 19.51
C THR A 102 -1.76 -27.26 20.45
N GLY A 103 -0.81 -28.01 19.89
CA GLY A 103 0.35 -28.49 20.65
C GLY A 103 0.04 -29.63 21.64
N GLY A 104 1.07 -30.11 22.32
CA GLY A 104 0.92 -31.19 23.29
C GLY A 104 0.41 -32.48 22.66
N ARG A 105 -0.69 -33.01 23.18
CA ARG A 105 -1.37 -34.17 22.59
C ARG A 105 -2.01 -33.81 21.25
N LEU A 106 -1.53 -34.44 20.19
CA LEU A 106 -2.02 -34.11 18.86
C LEU A 106 -3.43 -34.63 18.59
N ASP A 107 -3.88 -35.61 19.39
CA ASP A 107 -5.27 -36.05 19.26
C ASP A 107 -6.21 -34.90 19.62
N HIS A 108 -5.77 -34.01 20.49
CA HIS A 108 -6.58 -32.83 20.78
C HIS A 108 -6.67 -31.93 19.55
N LEU A 109 -5.53 -31.58 18.97
CA LEU A 109 -5.51 -30.76 17.77
C LEU A 109 -6.37 -31.34 16.65
N PHE A 110 -6.12 -32.60 16.31
CA PHE A 110 -6.83 -33.22 15.19
C PHE A 110 -8.32 -33.35 15.45
N GLY A 111 -8.69 -33.67 16.69
CA GLY A 111 -10.09 -33.69 17.08
C GLY A 111 -10.72 -32.30 16.98
N ASN A 112 -9.98 -31.28 17.37
CA ASN A 112 -10.45 -29.90 17.22
C ASN A 112 -10.66 -29.49 15.76
N VAL A 113 -9.79 -29.98 14.89
CA VAL A 113 -9.96 -29.72 13.46
C VAL A 113 -11.25 -30.39 12.94
N GLU A 114 -11.55 -31.60 13.41
CA GLU A 114 -12.81 -32.26 13.05
C GLU A 114 -14.02 -31.44 13.50
N LEU A 115 -13.92 -30.80 14.66
CA LEU A 115 -14.97 -29.87 15.13
C LEU A 115 -15.16 -28.73 14.14
N LEU A 116 -14.05 -28.11 13.73
CA LEU A 116 -14.12 -27.03 12.74
C LEU A 116 -14.81 -27.50 11.46
N LEU A 117 -14.58 -28.75 11.09
CA LEU A 117 -15.11 -29.28 9.85
C LEU A 117 -16.60 -29.56 9.99
N LYS A 118 -17.00 -30.13 11.12
CA LYS A 118 -18.42 -30.33 11.39
C LYS A 118 -19.13 -28.98 11.27
N TYR A 119 -18.47 -27.93 11.77
CA TYR A 119 -19.04 -26.58 11.75
C TYR A 119 -18.42 -25.67 10.67
N ALA A 120 -18.16 -26.21 9.50
CA ALA A 120 -17.41 -25.50 8.47
C ALA A 120 -18.15 -24.28 7.95
N ASP A 121 -19.47 -24.30 8.07
CA ASP A 121 -20.29 -23.15 7.64
C ASP A 121 -20.23 -21.97 8.62
N ARG A 122 -19.59 -22.18 9.77
CA ARG A 122 -19.52 -21.15 10.82
C ARG A 122 -18.15 -20.50 10.87
N PRO A 123 -18.12 -19.23 11.29
CA PRO A 123 -16.85 -18.50 11.34
C PRO A 123 -16.10 -18.91 12.60
N ILE A 124 -15.15 -19.84 12.48
CA ILE A 124 -14.38 -20.32 13.64
C ILE A 124 -12.89 -20.34 13.27
N GLU A 125 -12.03 -19.87 14.16
CA GLU A 125 -10.59 -19.95 13.92
C GLU A 125 -9.97 -20.75 15.04
N ILE A 126 -8.97 -21.54 14.70
CA ILE A 126 -8.02 -22.03 15.68
C ILE A 126 -6.80 -21.11 15.68
N VAL A 127 -6.43 -20.62 16.86
CA VAL A 127 -5.37 -19.63 16.95
C VAL A 127 -4.31 -19.97 17.98
N ASP A 128 -3.05 -19.84 17.57
CA ASP A 128 -1.95 -19.87 18.53
C ASP A 128 -0.89 -18.87 18.11
N ARG A 129 0.20 -18.83 18.85
CA ARG A 129 1.21 -17.78 18.69
C ARG A 129 1.84 -17.69 17.30
N GLN A 130 1.64 -18.70 16.45
CA GLN A 130 2.22 -18.71 15.11
C GLN A 130 1.24 -19.04 14.00
N ASN A 131 -0.03 -19.26 14.33
CA ASN A 131 -0.95 -19.81 13.35
C ASN A 131 -2.37 -19.31 13.51
N VAL A 132 -3.06 -19.16 12.40
CA VAL A 132 -4.52 -19.08 12.43
C VAL A 132 -5.01 -20.11 11.40
N LEU A 133 -5.77 -21.07 11.89
CA LEU A 133 -6.23 -22.18 11.07
C LEU A 133 -7.75 -22.14 10.89
N THR A 134 -8.22 -22.14 9.65
CA THR A 134 -9.65 -22.09 9.36
C THR A 134 -10.00 -23.15 8.33
N VAL A 135 -11.28 -23.51 8.26
CA VAL A 135 -11.74 -24.44 7.23
C VAL A 135 -12.96 -23.85 6.52
N HIS A 136 -13.13 -24.19 5.25
CA HIS A 136 -14.04 -23.45 4.37
C HIS A 136 -14.80 -24.33 3.39
N LEU A 137 -16.05 -23.98 3.16
CA LEU A 137 -16.87 -24.64 2.16
C LEU A 137 -16.79 -23.83 0.86
N PRO A 138 -17.32 -24.36 -0.25
CA PRO A 138 -17.22 -23.66 -1.53
C PRO A 138 -17.70 -22.21 -1.45
N GLY A 139 -16.96 -21.30 -2.08
CA GLY A 139 -17.28 -19.89 -2.04
C GLY A 139 -16.07 -19.09 -2.50
N THR A 140 -16.16 -17.77 -2.36
CA THR A 140 -15.06 -16.87 -2.66
C THR A 140 -14.78 -16.06 -1.40
N TYR A 141 -13.54 -16.11 -0.94
CA TYR A 141 -13.19 -15.55 0.36
C TYR A 141 -12.12 -14.51 0.19
N THR A 142 -12.22 -13.44 0.98
CA THR A 142 -11.17 -12.42 1.00
C THR A 142 -10.19 -12.69 2.12
N VAL A 143 -8.91 -12.50 1.80
CA VAL A 143 -7.85 -12.59 2.77
C VAL A 143 -7.19 -11.22 2.86
N MSE A 144 -7.01 -10.72 4.08
CA MSE A 144 -6.51 -9.37 4.31
C MSE A 144 -5.08 -9.45 4.79
O MSE A 144 -4.75 -10.31 5.61
CB MSE A 144 -7.35 -8.64 5.38
CG MSE A 144 -8.81 -8.35 4.96
SE MSE A 144 -8.89 -7.18 3.39
CE MSE A 144 -7.88 -5.66 4.09
N TYR A 145 -4.22 -8.59 4.27
CA TYR A 145 -2.82 -8.62 4.70
C TYR A 145 -2.79 -8.49 6.22
N ASP A 146 -1.98 -9.30 6.88
CA ASP A 146 -1.90 -9.23 8.33
C ASP A 146 -0.44 -9.34 8.71
N ALA A 147 0.07 -8.32 9.38
CA ALA A 147 1.51 -8.25 9.67
C ALA A 147 1.99 -9.47 10.47
N ARG A 148 1.09 -10.04 11.28
CA ARG A 148 1.42 -11.21 12.10
C ARG A 148 1.76 -12.48 11.31
N TYR A 149 1.38 -12.54 10.04
CA TYR A 149 1.47 -13.78 9.24
C TYR A 149 1.96 -13.60 7.82
N CYS A 150 3.18 -14.02 7.54
CA CYS A 150 3.69 -13.83 6.20
C CYS A 150 3.56 -15.09 5.32
N TYR A 151 3.04 -16.18 5.88
CA TYR A 151 2.77 -17.38 5.06
C TYR A 151 1.29 -17.73 5.02
N VAL A 152 0.84 -18.26 3.89
CA VAL A 152 -0.53 -18.72 3.73
C VAL A 152 -0.52 -20.05 3.02
N SER A 153 -1.07 -21.09 3.65
CA SER A 153 -1.13 -22.41 3.04
C SER A 153 -2.53 -22.95 2.89
N TYR A 154 -2.73 -23.75 1.84
CA TYR A 154 -4.02 -24.35 1.57
C TYR A 154 -3.87 -25.84 1.47
N ILE A 155 -4.72 -26.56 2.20
CA ILE A 155 -4.68 -28.00 2.18
C ILE A 155 -6.09 -28.56 2.00
N PRO A 156 -6.24 -29.46 1.03
CA PRO A 156 -7.56 -30.07 0.78
C PRO A 156 -7.93 -30.97 1.93
N VAL A 157 -9.17 -30.88 2.36
CA VAL A 157 -9.66 -31.77 3.40
C VAL A 157 -10.49 -32.88 2.74
N SER A 158 -11.29 -32.48 1.76
CA SER A 158 -12.05 -33.41 0.94
C SER A 158 -11.10 -34.08 -0.05
N GLU A 159 -11.56 -35.14 -0.70
CA GLU A 159 -10.78 -35.88 -1.69
C GLU A 159 -10.33 -34.95 -2.81
N THR A 160 -11.24 -34.10 -3.26
CA THR A 160 -10.91 -33.15 -4.30
C THR A 160 -11.45 -31.79 -3.93
N VAL A 161 -10.77 -30.76 -4.42
CA VAL A 161 -11.27 -29.41 -4.33
C VAL A 161 -11.24 -28.87 -5.75
N ALA A 162 -12.37 -28.33 -6.20
CA ALA A 162 -12.54 -28.00 -7.61
C ALA A 162 -12.45 -26.50 -7.88
N GLU A 163 -11.92 -26.15 -9.05
CA GLU A 163 -11.85 -24.75 -9.48
C GLU A 163 -11.19 -23.87 -8.43
N PHE A 164 -10.05 -24.30 -7.91
CA PHE A 164 -9.34 -23.49 -6.92
C PHE A 164 -8.59 -22.35 -7.62
N THR A 165 -8.83 -21.12 -7.15
CA THR A 165 -8.25 -19.94 -7.77
C THR A 165 -7.77 -18.92 -6.74
N LEU A 166 -6.55 -18.42 -6.95
CA LEU A 166 -5.96 -17.41 -6.08
C LEU A 166 -5.78 -16.11 -6.84
N THR A 167 -6.09 -14.99 -6.18
CA THR A 167 -5.76 -13.67 -6.71
C THR A 167 -5.02 -12.90 -5.63
N GLY A 168 -3.87 -12.31 -5.97
CA GLY A 168 -3.14 -11.50 -5.01
C GLY A 168 -1.99 -12.22 -4.34
N PHE A 169 -1.67 -13.40 -4.84
CA PHE A 169 -0.66 -14.27 -4.23
C PHE A 169 0.64 -14.42 -5.02
N LYS A 170 1.69 -14.78 -4.30
CA LYS A 170 3.02 -14.89 -4.88
C LYS A 170 3.11 -16.01 -5.92
N TYR A 171 2.41 -17.11 -5.67
CA TYR A 171 2.30 -18.22 -6.62
C TYR A 171 0.84 -18.35 -7.04
N PRO A 172 0.51 -17.83 -8.23
CA PRO A 172 -0.90 -17.74 -8.61
C PRO A 172 -1.43 -19.08 -9.05
N LEU A 173 -2.73 -19.29 -8.84
CA LEU A 173 -3.39 -20.48 -9.33
C LEU A 173 -4.72 -20.06 -9.93
N THR A 174 -5.10 -20.68 -11.03
CA THR A 174 -6.36 -20.32 -11.68
C THR A 174 -7.09 -21.56 -12.15
N ASN A 175 -8.30 -21.74 -11.61
CA ASN A 175 -9.14 -22.87 -11.96
C ASN A 175 -8.36 -24.19 -11.89
N CSO A 176 -7.67 -24.39 -10.79
CA CSO A 176 -6.86 -25.61 -10.62
CB CSO A 176 -5.53 -25.34 -9.88
SG CSO A 176 -4.36 -24.32 -10.85
C CSO A 176 -7.67 -26.70 -9.94
O CSO A 176 -8.48 -26.46 -9.05
OD CSO A 176 -4.05 -25.26 -12.21
N HIS A 177 -7.45 -27.93 -10.39
CA HIS A 177 -8.08 -29.08 -9.77
C HIS A 177 -7.13 -29.66 -8.73
N ILE A 178 -7.63 -29.89 -7.52
CA ILE A 178 -6.79 -30.29 -6.40
C ILE A 178 -7.21 -31.68 -5.94
N SER A 179 -6.24 -32.58 -5.84
CA SER A 179 -6.53 -33.93 -5.38
C SER A 179 -5.70 -34.25 -4.14
N ARG A 180 -6.38 -34.64 -3.08
CA ARG A 180 -5.72 -34.99 -1.84
C ARG A 180 -4.83 -36.20 -2.09
N GLY A 181 -3.63 -36.19 -1.50
CA GLY A 181 -2.65 -37.24 -1.73
C GLY A 181 -1.74 -36.92 -2.91
N SER A 182 -2.28 -36.18 -3.89
CA SER A 182 -1.51 -35.78 -5.06
C SER A 182 -1.00 -34.34 -4.94
N THR A 183 -1.86 -33.45 -4.46
CA THR A 183 -1.45 -32.13 -3.99
C THR A 183 -1.49 -32.15 -2.46
N LEU A 184 -0.30 -32.21 -1.85
CA LEU A 184 -0.21 -32.42 -0.39
C LEU A 184 -0.40 -31.14 0.43
N CSO A 185 0.14 -30.04 -0.08
CA CSO A 185 0.06 -28.74 0.62
CB CSO A 185 0.88 -28.71 1.92
SG CSO A 185 0.79 -27.16 2.86
C CSO A 185 0.54 -27.64 -0.30
O CSO A 185 1.65 -27.65 -0.84
OD CSO A 185 2.05 -26.23 2.21
N ILE A 186 -0.33 -26.65 -0.48
CA ILE A 186 0.00 -25.49 -1.29
C ILE A 186 0.60 -24.36 -0.44
N SER A 187 1.91 -24.19 -0.51
CA SER A 187 2.57 -23.07 0.19
C SER A 187 2.37 -21.76 -0.58
N ASN A 188 2.23 -20.65 0.13
CA ASN A 188 2.04 -19.37 -0.53
C ASN A 188 2.27 -18.12 0.30
N GLU A 189 2.09 -16.98 -0.34
CA GLU A 189 2.28 -15.70 0.31
C GLU A 189 1.37 -14.68 -0.36
N LEU A 190 0.64 -13.92 0.45
CA LEU A 190 -0.21 -12.86 -0.01
C LEU A 190 0.64 -11.63 -0.30
N ILE A 191 0.65 -11.17 -1.55
CA ILE A 191 1.51 -10.06 -1.96
C ILE A 191 0.74 -8.77 -2.30
N GLN A 192 -0.51 -8.68 -1.85
CA GLN A 192 -1.31 -7.46 -2.00
C GLN A 192 -1.96 -7.14 -0.66
N SER A 193 -2.62 -5.98 -0.58
CA SER A 193 -3.26 -5.58 0.67
C SER A 193 -4.47 -6.50 0.95
N SER A 194 -5.13 -6.95 -0.10
CA SER A 194 -6.15 -7.98 0.01
C SER A 194 -6.04 -8.92 -1.17
N GLY A 195 -6.41 -10.18 -0.96
CA GLY A 195 -6.40 -11.15 -2.03
C GLY A 195 -7.63 -12.01 -1.87
N THR A 196 -7.88 -12.91 -2.82
CA THR A 196 -9.00 -13.83 -2.67
C THR A 196 -8.59 -15.27 -2.96
N PHE A 197 -9.31 -16.20 -2.34
CA PHE A 197 -9.30 -17.58 -2.75
C PHE A 197 -10.73 -18.03 -2.95
N SER A 198 -10.92 -18.90 -3.94
CA SER A 198 -12.24 -19.43 -4.23
C SER A 198 -12.12 -20.85 -4.75
N PHE A 199 -13.18 -21.63 -4.56
CA PHE A 199 -13.26 -22.97 -5.09
C PHE A 199 -14.74 -23.32 -5.18
N SER A 200 -15.08 -24.29 -6.04
CA SER A 200 -16.50 -24.54 -6.33
C SER A 200 -17.01 -25.83 -5.72
N GLU A 201 -16.11 -26.75 -5.39
CA GLU A 201 -16.52 -27.99 -4.73
C GLU A 201 -15.47 -28.41 -3.71
N GLY A 202 -15.91 -29.08 -2.66
CA GLY A 202 -15.00 -29.68 -1.69
C GLY A 202 -14.88 -28.89 -0.41
N ILE A 203 -13.85 -29.18 0.36
CA ILE A 203 -13.59 -28.49 1.61
C ILE A 203 -12.11 -28.19 1.74
N LEU A 204 -11.81 -26.95 2.09
CA LEU A 204 -10.43 -26.50 2.04
C LEU A 204 -9.99 -25.89 3.36
N MSE A 205 -8.80 -26.26 3.82
CA MSE A 205 -8.26 -25.69 5.04
C MSE A 205 -7.27 -24.60 4.71
O MSE A 205 -6.40 -24.79 3.85
CB MSE A 205 -7.57 -26.79 5.87
CG MSE A 205 -6.77 -26.29 7.05
SE MSE A 205 -5.97 -27.80 8.09
CE MSE A 205 -4.85 -28.57 6.71
N MSE A 206 -7.39 -23.46 5.38
CA MSE A 206 -6.36 -22.44 5.26
C MSE A 206 -5.58 -22.30 6.57
O MSE A 206 -6.15 -22.27 7.66
CB MSE A 206 -6.94 -21.09 4.85
CG MSE A 206 -5.90 -19.97 4.86
SE MSE A 206 -6.52 -18.26 4.17
CE MSE A 206 -8.17 -18.03 5.23
N ILE A 207 -4.25 -22.24 6.45
CA ILE A 207 -3.41 -21.96 7.59
C ILE A 207 -2.56 -20.74 7.26
N ARG A 208 -2.73 -19.68 8.03
CA ARG A 208 -1.88 -18.51 7.86
C ARG A 208 -0.93 -18.62 9.02
N SER A 209 0.36 -18.42 8.77
CA SER A 209 1.35 -18.65 9.81
C SER A 209 2.55 -17.70 9.73
N SER A 210 3.40 -17.77 10.74
CA SER A 210 4.61 -16.95 10.79
C SER A 210 5.69 -17.76 11.47
N ASP A 211 6.93 -17.32 11.24
CA ASP A 211 8.09 -17.85 11.92
C ASP A 211 9.17 -16.74 11.96
N SER A 212 10.37 -17.09 12.38
CA SER A 212 11.40 -16.06 12.57
C SER A 212 11.87 -15.39 11.27
N SER A 213 11.45 -15.90 10.12
CA SER A 213 11.82 -15.28 8.84
C SER A 213 10.80 -14.30 8.25
N CYS A 214 9.75 -14.00 9.01
CA CYS A 214 8.81 -12.92 8.64
C CYS A 214 9.40 -11.58 9.03
N LEU A 215 9.50 -10.67 8.06
CA LEU A 215 10.08 -9.36 8.31
C LEU A 215 9.02 -8.34 8.74
N MSE B 1 18.74 8.45 -19.55
CA MSE B 1 19.24 9.83 -19.61
C MSE B 1 18.16 10.85 -19.27
O MSE B 1 17.02 10.76 -19.73
CB MSE B 1 19.81 10.17 -20.98
CG MSE B 1 20.10 11.68 -21.11
SE MSE B 1 20.44 12.31 -22.92
CE MSE B 1 22.10 11.33 -23.24
N ILE B 2 18.55 11.85 -18.48
CA ILE B 2 17.63 12.90 -18.07
C ILE B 2 18.22 14.26 -18.42
N ILE B 3 17.42 15.10 -19.06
CA ILE B 3 17.89 16.44 -19.43
C ILE B 3 17.31 17.54 -18.57
N HIS B 4 18.18 18.27 -17.87
CA HIS B 4 17.78 19.37 -17.02
C HIS B 4 18.21 20.70 -17.62
N ILE B 5 17.23 21.49 -18.06
CA ILE B 5 17.48 22.79 -18.65
C ILE B 5 17.26 23.89 -17.63
N VAL B 6 18.25 24.76 -17.47
CA VAL B 6 18.16 25.83 -16.50
C VAL B 6 18.17 27.17 -17.23
N GLY B 7 17.03 27.85 -17.19
CA GLY B 7 16.82 29.14 -17.82
C GLY B 7 17.06 30.30 -16.86
N GLY B 8 16.76 31.52 -17.32
CA GLY B 8 17.22 32.70 -16.62
C GLY B 8 16.19 33.48 -15.82
N GLY B 9 15.12 32.81 -15.38
CA GLY B 9 14.13 33.45 -14.52
C GLY B 9 14.69 33.88 -13.17
N PRO B 10 13.88 34.59 -12.37
CA PRO B 10 14.34 35.02 -11.04
C PRO B 10 14.99 33.86 -10.31
N ARG B 11 16.13 34.11 -9.68
CA ARG B 11 16.97 33.03 -9.16
C ARG B 11 16.49 32.49 -7.83
N GLU B 12 15.78 33.30 -7.07
CA GLU B 12 15.30 32.86 -5.78
C GLU B 12 14.20 31.80 -5.94
N LEU B 13 13.65 31.66 -7.14
CA LEU B 13 12.63 30.65 -7.42
C LEU B 13 13.21 29.26 -7.72
N LEU B 14 14.51 29.18 -8.00
CA LEU B 14 15.13 27.89 -8.31
C LEU B 14 15.18 26.98 -7.09
N PRO B 15 14.94 25.67 -7.28
CA PRO B 15 15.30 24.75 -6.19
C PRO B 15 16.82 24.69 -6.06
N ASP B 16 17.31 24.05 -5.01
CA ASP B 16 18.73 23.72 -4.90
C ASP B 16 19.02 22.61 -5.92
N LEU B 17 19.79 22.94 -6.94
CA LEU B 17 20.02 22.02 -8.06
C LEU B 17 20.81 20.77 -7.67
N ARG B 18 21.53 20.85 -6.55
CA ARG B 18 22.27 19.69 -6.09
C ARG B 18 21.34 18.52 -5.89
N PHE B 19 20.08 18.81 -5.57
CA PHE B 19 19.15 17.71 -5.30
C PHE B 19 18.52 17.17 -6.57
N TYR B 20 18.81 17.84 -7.69
CA TYR B 20 18.35 17.37 -8.99
C TYR B 20 19.50 16.86 -9.84
N ASP B 21 20.65 16.67 -9.22
CA ASP B 21 21.85 16.22 -9.95
C ASP B 21 22.02 14.71 -9.83
N GLY B 22 22.67 14.09 -10.80
CA GLY B 22 22.87 12.65 -10.76
C GLY B 22 23.63 12.21 -11.99
N GLU B 23 24.16 10.99 -11.99
CA GLU B 23 25.01 10.58 -13.10
C GLU B 23 24.25 10.39 -14.43
N ASP B 24 22.93 10.26 -14.38
CA ASP B 24 22.20 10.20 -15.66
C ASP B 24 21.69 11.57 -16.13
N VAL B 25 22.04 12.62 -15.38
CA VAL B 25 21.56 13.96 -15.69
C VAL B 25 22.51 14.78 -16.56
N CSO B 26 22.02 15.23 -17.71
CA CSO B 26 22.80 16.15 -18.57
CB CSO B 26 22.87 15.66 -20.03
SG CSO B 26 23.54 13.98 -20.28
C CSO B 26 22.21 17.56 -18.41
O CSO B 26 21.04 17.82 -18.67
OD CSO B 26 25.23 14.15 -20.18
N TRP B 27 23.05 18.49 -17.97
CA TRP B 27 22.63 19.86 -17.69
C TRP B 27 22.75 20.75 -18.95
N VAL B 28 21.76 21.60 -19.18
CA VAL B 28 21.75 22.54 -20.30
C VAL B 28 21.48 23.93 -19.77
N GLY B 29 22.25 24.91 -20.22
CA GLY B 29 22.03 26.29 -19.83
C GLY B 29 21.21 27.09 -20.84
N VAL B 30 20.38 28.00 -20.34
CA VAL B 30 19.61 28.90 -21.20
C VAL B 30 19.77 30.29 -20.62
N ASP B 31 20.23 31.22 -21.44
CA ASP B 31 20.44 32.59 -20.97
C ASP B 31 21.35 32.61 -19.77
N ARG B 32 21.00 33.39 -18.76
CA ARG B 32 21.85 33.48 -17.57
C ARG B 32 21.71 32.24 -16.68
N GLY B 33 20.82 31.33 -17.06
CA GLY B 33 20.77 30.04 -16.39
C GLY B 33 22.12 29.33 -16.41
N THR B 34 22.95 29.62 -17.41
CA THR B 34 24.28 29.03 -17.50
C THR B 34 25.17 29.39 -16.32
N MSE B 35 25.06 30.64 -15.84
CA MSE B 35 25.82 31.07 -14.68
C MSE B 35 25.45 30.27 -13.42
O MSE B 35 26.31 29.96 -12.59
CB MSE B 35 25.62 32.57 -14.41
CG MSE B 35 26.02 33.49 -15.52
SE MSE B 35 27.80 32.99 -16.23
CE MSE B 35 28.86 33.19 -14.58
N THR B 36 24.17 29.95 -13.27
CA THR B 36 23.71 29.12 -12.15
C THR B 36 24.40 27.76 -12.17
N LEU B 37 24.48 27.16 -13.36
CA LEU B 37 25.21 25.90 -13.53
C LEU B 37 26.68 26.04 -13.14
N LEU B 38 27.34 27.09 -13.60
CA LEU B 38 28.77 27.30 -13.29
C LEU B 38 28.94 27.36 -11.78
N GLU B 39 28.01 28.05 -11.12
CA GLU B 39 28.10 28.24 -9.68
C GLU B 39 27.99 26.93 -8.93
N ALA B 40 27.21 26.00 -9.46
CA ALA B 40 27.05 24.67 -8.85
C ALA B 40 28.22 23.76 -9.22
N GLY B 41 29.09 24.23 -10.10
CA GLY B 41 30.19 23.41 -10.56
C GLY B 41 29.79 22.39 -11.61
N PHE B 42 28.62 22.60 -12.23
CA PHE B 42 28.19 21.72 -13.32
C PHE B 42 28.59 22.29 -14.67
N ARG B 43 28.98 21.42 -15.59
CA ARG B 43 29.25 21.85 -16.96
C ARG B 43 28.05 21.58 -17.86
N PRO B 44 27.49 22.64 -18.44
CA PRO B 44 26.38 22.45 -19.37
C PRO B 44 26.90 21.67 -20.57
N VAL B 45 26.16 20.67 -21.03
CA VAL B 45 26.60 19.96 -22.20
C VAL B 45 26.35 20.86 -23.39
N ARG B 46 25.55 21.89 -23.15
CA ARG B 46 25.10 22.78 -24.21
C ARG B 46 24.51 24.03 -23.57
N ALA B 47 24.65 25.18 -24.21
CA ALA B 47 23.98 26.40 -23.78
C ALA B 47 23.30 27.11 -24.95
N PHE B 48 22.24 27.85 -24.66
CA PHE B 48 21.46 28.54 -25.68
C PHE B 48 21.17 29.96 -25.25
N GLY B 49 21.41 30.90 -26.14
CA GLY B 49 21.24 32.31 -25.82
C GLY B 49 22.41 33.15 -26.29
N ASP B 50 22.29 34.46 -26.14
CA ASP B 50 23.34 35.41 -26.44
C ASP B 50 24.04 35.80 -25.17
N PHE B 51 25.30 36.22 -25.29
CA PHE B 51 26.06 36.69 -24.14
C PHE B 51 25.63 38.07 -23.65
N ASP B 52 24.83 38.78 -24.43
CA ASP B 52 24.28 40.06 -24.00
C ASP B 52 23.36 39.88 -22.78
N SER B 53 22.91 38.65 -22.59
CA SER B 53 21.99 38.32 -21.50
C SER B 53 22.70 38.06 -20.18
N LEU B 54 24.02 38.13 -20.18
CA LEU B 54 24.79 37.97 -18.95
C LEU B 54 25.57 39.25 -18.68
N PRO B 55 25.84 39.56 -17.40
CA PRO B 55 26.71 40.71 -17.10
C PRO B 55 28.11 40.47 -17.66
N ALA B 56 28.84 41.53 -18.00
CA ALA B 56 30.15 41.38 -18.58
C ALA B 56 31.05 40.52 -17.69
N GLU B 57 30.99 40.76 -16.37
CA GLU B 57 31.84 40.04 -15.43
C GLU B 57 31.52 38.56 -15.45
N ASP B 58 30.26 38.23 -15.74
CA ASP B 58 29.82 36.84 -15.77
C ASP B 58 30.33 36.13 -17.02
N VAL B 59 30.39 36.85 -18.13
CA VAL B 59 30.91 36.27 -19.37
C VAL B 59 32.39 35.92 -19.19
N VAL B 60 33.15 36.83 -18.56
CA VAL B 60 34.53 36.53 -18.25
C VAL B 60 34.67 35.27 -17.37
N LYS B 61 33.82 35.13 -16.36
CA LYS B 61 33.88 33.95 -15.50
C LYS B 61 33.51 32.67 -16.25
N LEU B 62 32.50 32.78 -17.10
CA LEU B 62 32.05 31.65 -17.90
C LEU B 62 33.11 31.15 -18.88
N GLN B 63 33.67 32.05 -19.69
CA GLN B 63 34.61 31.57 -20.70
C GLN B 63 35.90 31.11 -20.04
N GLN B 64 36.23 31.70 -18.90
CA GLN B 64 37.37 31.23 -18.11
C GLN B 64 37.20 29.78 -17.68
N ALA B 65 36.04 29.48 -17.08
CA ALA B 65 35.69 28.14 -16.64
C ALA B 65 35.55 27.16 -17.80
N PHE B 66 34.82 27.52 -18.84
CA PHE B 66 34.60 26.63 -19.98
C PHE B 66 34.92 27.31 -21.31
N PRO B 67 36.21 27.44 -21.64
CA PRO B 67 36.59 28.12 -22.89
C PRO B 67 35.99 27.45 -24.11
N ASP B 68 35.76 26.15 -24.02
CA ASP B 68 35.26 25.37 -25.15
C ASP B 68 33.75 25.15 -25.11
N LEU B 69 33.02 25.91 -24.30
CA LEU B 69 31.59 25.68 -24.16
C LEU B 69 30.92 25.73 -25.53
N ASP B 70 30.00 24.82 -25.80
CA ASP B 70 29.21 24.87 -27.02
C ASP B 70 27.97 25.74 -26.79
N VAL B 71 28.01 26.98 -27.27
CA VAL B 71 26.89 27.89 -27.12
C VAL B 71 26.14 28.05 -28.44
N TRP B 72 24.82 28.02 -28.37
CA TRP B 72 23.99 28.24 -29.55
C TRP B 72 23.28 29.57 -29.45
N PRO B 73 23.43 30.40 -30.48
CA PRO B 73 22.98 31.80 -30.42
C PRO B 73 21.47 31.89 -30.42
N ALA B 74 20.94 32.99 -29.87
CA ALA B 74 19.53 33.26 -29.92
C ALA B 74 19.06 33.31 -31.37
N GLU B 75 17.84 32.86 -31.60
CA GLU B 75 17.27 32.87 -32.94
C GLU B 75 16.09 33.83 -33.01
N LYS B 76 15.91 34.48 -34.15
CA LYS B 76 14.77 35.37 -34.35
C LYS B 76 13.45 34.61 -34.21
N ASP B 77 12.50 35.20 -33.50
CA ASP B 77 11.14 34.66 -33.42
C ASP B 77 11.00 33.40 -32.56
N LYS B 78 12.03 33.10 -31.78
CA LYS B 78 12.01 31.97 -30.84
C LYS B 78 12.70 32.40 -29.54
N THR B 79 12.18 31.93 -28.40
CA THR B 79 12.88 32.19 -27.15
C THR B 79 14.03 31.20 -27.01
N ASP B 80 14.97 31.50 -26.12
CA ASP B 80 16.10 30.63 -25.88
C ASP B 80 15.67 29.30 -25.25
N MSE B 81 14.64 29.34 -24.42
CA MSE B 81 14.12 28.13 -23.81
C MSE B 81 13.54 27.22 -24.90
O MSE B 81 13.69 25.99 -24.87
CB MSE B 81 13.04 28.47 -22.80
CG MSE B 81 12.46 27.27 -22.08
SE MSE B 81 13.78 26.46 -20.90
CE MSE B 81 13.95 27.82 -19.51
N GLU B 82 12.86 27.83 -25.86
CA GLU B 82 12.25 27.10 -26.96
C GLU B 82 13.29 26.37 -27.81
N ILE B 83 14.33 27.08 -28.24
CA ILE B 83 15.35 26.40 -29.03
C ILE B 83 16.01 25.31 -28.20
N ALA B 84 16.24 25.57 -26.92
CA ALA B 84 16.81 24.55 -26.04
C ALA B 84 15.90 23.32 -25.98
N LEU B 85 14.62 23.55 -25.77
CA LEU B 85 13.69 22.42 -25.68
C LEU B 85 13.55 21.70 -27.03
N ASP B 86 13.46 22.46 -28.11
CA ASP B 86 13.40 21.89 -29.45
C ASP B 86 14.54 20.87 -29.66
N TRP B 87 15.72 21.20 -29.15
CA TRP B 87 16.87 20.32 -29.25
C TRP B 87 16.70 19.13 -28.30
N ALA B 88 16.46 19.44 -27.02
CA ALA B 88 16.26 18.41 -26.00
C ALA B 88 15.31 17.29 -26.42
N VAL B 89 14.18 17.63 -27.02
CA VAL B 89 13.20 16.60 -27.37
C VAL B 89 13.67 15.64 -28.48
N GLU B 90 14.84 15.90 -29.05
CA GLU B 90 15.43 15.02 -30.05
C GLU B 90 16.42 14.02 -29.47
N GLN B 91 16.72 14.16 -28.18
CA GLN B 91 17.80 13.37 -27.58
C GLN B 91 17.37 12.04 -26.97
N THR B 92 16.08 11.73 -27.06
CA THR B 92 15.56 10.52 -26.45
C THR B 92 15.89 10.43 -24.95
N ALA B 93 15.59 11.50 -24.23
CA ALA B 93 15.73 11.53 -22.78
C ALA B 93 14.48 10.94 -22.15
N ARG B 94 14.64 10.31 -20.99
CA ARG B 94 13.51 9.74 -20.26
C ARG B 94 12.65 10.83 -19.64
N CSO B 95 13.28 11.97 -19.36
CA CSO B 95 12.59 13.10 -18.72
CB CSO B 95 12.49 12.84 -17.22
SG CSO B 95 11.73 14.15 -16.23
C CSO B 95 13.35 14.37 -19.09
O CSO B 95 14.56 14.37 -19.24
OD CSO B 95 10.16 14.23 -16.82
N ILE B 96 12.59 15.45 -19.26
CA ILE B 96 13.17 16.77 -19.43
C ILE B 96 12.55 17.70 -18.39
N ARG B 97 13.37 18.40 -17.62
CA ARG B 97 12.87 19.36 -16.62
C ARG B 97 13.39 20.75 -16.95
N LEU B 98 12.49 21.72 -16.89
CA LEU B 98 12.84 23.12 -17.12
C LEU B 98 12.84 23.85 -15.78
N PHE B 99 13.99 24.39 -15.42
CA PHE B 99 14.17 25.18 -14.22
C PHE B 99 14.36 26.62 -14.64
N GLY B 100 14.16 27.56 -13.71
CA GLY B 100 14.27 28.97 -14.05
C GLY B 100 13.28 29.39 -15.13
N ALA B 101 12.16 28.70 -15.22
CA ALA B 101 11.18 29.01 -16.26
C ALA B 101 9.92 29.69 -15.69
N THR B 102 9.94 30.04 -14.40
CA THR B 102 8.81 30.69 -13.76
C THR B 102 9.22 32.03 -13.14
N GLY B 103 8.22 32.82 -12.77
CA GLY B 103 8.46 34.09 -12.10
C GLY B 103 8.70 35.27 -13.04
N GLY B 104 8.62 36.48 -12.48
CA GLY B 104 8.90 37.68 -13.25
C GLY B 104 7.78 38.00 -14.24
N ARG B 105 8.13 38.19 -15.50
CA ARG B 105 7.14 38.48 -16.52
C ARG B 105 6.32 37.23 -16.79
N LEU B 106 5.01 37.32 -16.61
CA LEU B 106 4.14 36.15 -16.74
C LEU B 106 4.06 35.61 -18.16
N ASP B 107 4.29 36.45 -19.18
CA ASP B 107 4.26 35.96 -20.55
C ASP B 107 5.36 34.92 -20.79
N HIS B 108 6.43 34.97 -20.01
CA HIS B 108 7.46 33.93 -20.07
C HIS B 108 6.95 32.57 -19.58
N LEU B 109 6.33 32.55 -18.41
CA LEU B 109 5.75 31.31 -17.89
C LEU B 109 4.69 30.75 -18.85
N PHE B 110 3.85 31.62 -19.36
CA PHE B 110 2.73 31.14 -20.18
C PHE B 110 3.23 30.65 -21.52
N GLY B 111 4.24 31.33 -22.06
CA GLY B 111 4.88 30.87 -23.28
C GLY B 111 5.51 29.52 -23.06
N ASN B 112 6.19 29.35 -21.92
CA ASN B 112 6.76 28.07 -21.56
C ASN B 112 5.74 26.94 -21.43
N VAL B 113 4.57 27.23 -20.86
CA VAL B 113 3.48 26.25 -20.79
C VAL B 113 2.99 25.87 -22.19
N GLU B 114 2.93 26.83 -23.10
CA GLU B 114 2.58 26.53 -24.49
C GLU B 114 3.57 25.58 -25.16
N LEU B 115 4.84 25.68 -24.77
CA LEU B 115 5.87 24.72 -25.23
C LEU B 115 5.57 23.32 -24.72
N LEU B 116 5.24 23.20 -23.44
CA LEU B 116 4.83 21.89 -22.93
C LEU B 116 3.65 21.32 -23.71
N LEU B 117 2.69 22.18 -24.03
CA LEU B 117 1.53 21.77 -24.82
C LEU B 117 1.89 21.35 -26.22
N LYS B 118 2.76 22.11 -26.87
CA LYS B 118 3.24 21.74 -28.19
C LYS B 118 3.86 20.34 -28.15
N TYR B 119 4.61 20.05 -27.09
CA TYR B 119 5.24 18.74 -26.93
C TYR B 119 4.52 17.90 -25.88
N ALA B 120 3.20 17.97 -25.87
CA ALA B 120 2.41 17.29 -24.85
C ALA B 120 2.66 15.78 -24.76
N ASP B 121 3.08 15.17 -25.86
CA ASP B 121 3.35 13.73 -25.83
C ASP B 121 4.72 13.36 -25.25
N ARG B 122 5.52 14.37 -24.91
CA ARG B 122 6.83 14.14 -24.31
C ARG B 122 6.82 14.39 -22.81
N PRO B 123 7.67 13.67 -22.08
CA PRO B 123 7.77 13.82 -20.62
C PRO B 123 8.56 15.08 -20.27
N ILE B 124 7.88 16.19 -20.06
CA ILE B 124 8.58 17.44 -19.74
C ILE B 124 7.93 17.99 -18.48
N GLU B 125 8.74 18.44 -17.52
CA GLU B 125 8.22 19.09 -16.31
C GLU B 125 8.73 20.52 -16.25
N ILE B 126 7.88 21.45 -15.83
CA ILE B 126 8.40 22.72 -15.35
C ILE B 126 8.54 22.61 -13.83
N VAL B 127 9.70 22.98 -13.31
CA VAL B 127 9.95 22.83 -11.88
C VAL B 127 10.51 24.10 -11.26
N ASP B 128 9.93 24.51 -10.13
CA ASP B 128 10.55 25.56 -9.32
C ASP B 128 10.53 25.17 -7.84
N ARG B 129 10.97 26.05 -6.95
CA ARG B 129 11.07 25.67 -5.55
C ARG B 129 9.76 25.15 -4.94
N GLN B 130 8.63 25.42 -5.60
CA GLN B 130 7.33 25.16 -4.99
C GLN B 130 6.36 24.38 -5.86
N ASN B 131 6.79 24.03 -7.08
CA ASN B 131 5.87 23.47 -8.06
C ASN B 131 6.52 22.48 -9.00
N VAL B 132 5.72 21.55 -9.49
CA VAL B 132 6.07 20.84 -10.69
C VAL B 132 4.82 20.87 -11.56
N LEU B 133 4.97 21.34 -12.79
CA LEU B 133 3.85 21.50 -13.68
C LEU B 133 4.06 20.62 -14.90
N THR B 134 3.01 19.92 -15.29
CA THR B 134 3.06 19.00 -16.41
C THR B 134 1.73 19.03 -17.16
N VAL B 135 1.76 18.69 -18.44
CA VAL B 135 0.54 18.57 -19.23
C VAL B 135 0.49 17.17 -19.85
N HIS B 136 -0.72 16.67 -20.08
CA HIS B 136 -0.87 15.26 -20.44
C HIS B 136 -1.93 15.02 -21.52
N LEU B 137 -1.65 14.03 -22.37
CA LEU B 137 -2.61 13.52 -23.33
C LEU B 137 -3.31 12.31 -22.71
N PRO B 138 -4.38 11.81 -23.35
CA PRO B 138 -5.08 10.67 -22.74
C PRO B 138 -4.16 9.48 -22.44
N GLY B 139 -4.47 8.80 -21.35
CA GLY B 139 -3.69 7.66 -20.90
C GLY B 139 -3.88 7.50 -19.40
N THR B 140 -3.10 6.62 -18.79
CA THR B 140 -3.09 6.43 -17.35
C THR B 140 -1.72 6.81 -16.85
N TYR B 141 -1.67 7.56 -15.77
CA TYR B 141 -0.40 8.08 -15.28
C TYR B 141 -0.27 7.82 -13.82
N THR B 142 0.95 7.61 -13.34
CA THR B 142 1.16 7.41 -11.91
C THR B 142 1.46 8.72 -11.22
N VAL B 143 1.22 8.74 -9.92
CA VAL B 143 1.60 9.84 -9.07
C VAL B 143 2.18 9.15 -7.83
N MSE B 144 3.41 9.50 -7.46
CA MSE B 144 4.05 8.84 -6.34
C MSE B 144 4.19 9.80 -5.18
O MSE B 144 4.43 10.98 -5.38
CB MSE B 144 5.44 8.31 -6.74
CG MSE B 144 5.47 7.54 -8.05
SE MSE B 144 4.35 5.92 -8.06
CE MSE B 144 5.16 5.00 -6.55
N TYR B 145 4.03 9.30 -3.96
CA TYR B 145 4.21 10.15 -2.79
C TYR B 145 5.51 10.93 -2.93
N ASP B 146 5.46 12.22 -2.65
CA ASP B 146 6.66 13.06 -2.72
C ASP B 146 6.64 14.11 -1.63
N ALA B 147 7.66 14.07 -0.77
CA ALA B 147 7.75 14.97 0.37
C ALA B 147 7.71 16.45 -0.03
N ARG B 148 8.17 16.76 -1.25
CA ARG B 148 8.22 18.15 -1.69
C ARG B 148 6.85 18.78 -1.99
N TYR B 149 5.80 17.96 -2.09
CA TYR B 149 4.51 18.47 -2.55
C TYR B 149 3.35 17.91 -1.76
N CYS B 150 2.54 18.80 -1.20
CA CYS B 150 1.33 18.41 -0.46
C CYS B 150 0.10 18.50 -1.34
N TYR B 151 0.11 19.42 -2.29
CA TYR B 151 -1.11 19.72 -3.04
C TYR B 151 -1.04 19.21 -4.47
N VAL B 152 -2.18 18.77 -4.99
CA VAL B 152 -2.31 18.38 -6.38
C VAL B 152 -3.51 19.09 -7.00
N SER B 153 -3.32 19.67 -8.18
CA SER B 153 -4.43 20.32 -8.87
C SER B 153 -4.48 19.85 -10.31
N TYR B 154 -5.69 19.64 -10.80
CA TYR B 154 -5.91 19.28 -12.19
C TYR B 154 -6.72 20.36 -12.86
N ILE B 155 -6.22 20.82 -14.01
CA ILE B 155 -6.91 21.83 -14.80
C ILE B 155 -7.03 21.36 -16.25
N PRO B 156 -8.26 21.35 -16.78
CA PRO B 156 -8.47 20.95 -18.18
C PRO B 156 -7.91 22.02 -19.13
N VAL B 157 -7.14 21.60 -20.12
CA VAL B 157 -6.61 22.51 -21.12
C VAL B 157 -7.54 22.53 -22.34
N SER B 158 -7.98 21.34 -22.75
CA SER B 158 -8.96 21.20 -23.82
C SER B 158 -10.35 21.55 -23.29
N GLU B 159 -11.29 21.77 -24.21
CA GLU B 159 -12.65 22.15 -23.83
C GLU B 159 -13.30 21.12 -22.90
N THR B 160 -13.01 19.85 -23.14
CA THR B 160 -13.51 18.82 -22.25
C THR B 160 -12.44 17.77 -22.00
N VAL B 161 -12.55 17.09 -20.88
CA VAL B 161 -11.68 15.97 -20.53
C VAL B 161 -12.58 14.84 -20.06
N ALA B 162 -12.57 13.72 -20.78
CA ALA B 162 -13.53 12.65 -20.51
C ALA B 162 -12.96 11.55 -19.64
N GLU B 163 -13.87 10.90 -18.93
CA GLU B 163 -13.59 9.74 -18.08
C GLU B 163 -12.41 9.96 -17.16
N PHE B 164 -12.37 11.13 -16.52
CA PHE B 164 -11.32 11.40 -15.56
C PHE B 164 -11.49 10.51 -14.33
N THR B 165 -10.43 9.79 -13.96
CA THR B 165 -10.51 8.84 -12.86
C THR B 165 -9.26 8.90 -11.98
N LEU B 166 -9.46 8.99 -10.68
CA LEU B 166 -8.35 9.02 -9.73
C LEU B 166 -8.35 7.79 -8.83
N THR B 167 -7.17 7.29 -8.49
CA THR B 167 -7.01 6.31 -7.42
C THR B 167 -5.95 6.80 -6.43
N GLY B 168 -6.17 6.60 -5.14
CA GLY B 168 -5.18 6.92 -4.12
C GLY B 168 -5.26 8.31 -3.49
N PHE B 169 -6.29 9.07 -3.85
CA PHE B 169 -6.43 10.45 -3.38
C PHE B 169 -7.50 10.61 -2.30
N LYS B 170 -7.42 11.72 -1.58
CA LYS B 170 -8.37 12.10 -0.55
C LYS B 170 -9.80 12.10 -1.07
N TYR B 171 -10.04 12.80 -2.18
CA TYR B 171 -11.37 12.84 -2.78
C TYR B 171 -11.37 11.96 -4.01
N PRO B 172 -12.28 10.99 -4.07
CA PRO B 172 -12.24 10.03 -5.17
C PRO B 172 -12.99 10.56 -6.39
N LEU B 173 -12.52 10.19 -7.58
CA LEU B 173 -13.23 10.52 -8.80
C LEU B 173 -13.16 9.32 -9.73
N THR B 174 -14.29 8.97 -10.32
CA THR B 174 -14.31 7.85 -11.22
C THR B 174 -15.16 8.23 -12.40
N ASN B 175 -14.59 8.10 -13.59
CA ASN B 175 -15.30 8.44 -14.82
C ASN B 175 -16.02 9.78 -14.74
N CSO B 176 -15.30 10.78 -14.24
CA CSO B 176 -15.87 12.12 -14.07
CB CSO B 176 -15.28 12.78 -12.82
SG CSO B 176 -15.49 14.58 -12.69
C CSO B 176 -15.70 12.90 -15.36
O CSO B 176 -14.61 12.95 -15.95
OD CSO B 176 -17.02 14.70 -12.02
N HIS B 177 -16.78 13.51 -15.83
CA HIS B 177 -16.75 14.34 -17.02
C HIS B 177 -16.37 15.77 -16.67
N ILE B 178 -15.36 16.31 -17.36
CA ILE B 178 -14.83 17.62 -17.05
C ILE B 178 -15.01 18.57 -18.21
N SER B 179 -15.68 19.70 -17.96
CA SER B 179 -15.83 20.78 -18.95
C SER B 179 -15.10 22.02 -18.47
N ARG B 180 -14.27 22.60 -19.34
CA ARG B 180 -13.54 23.80 -18.99
C ARG B 180 -14.56 24.93 -18.79
N GLY B 181 -14.30 25.81 -17.83
CA GLY B 181 -15.24 26.87 -17.51
C GLY B 181 -16.19 26.46 -16.39
N SER B 182 -16.77 25.26 -16.52
CA SER B 182 -17.61 24.70 -15.49
C SER B 182 -16.78 24.10 -14.36
N THR B 183 -15.77 23.31 -14.74
CA THR B 183 -14.78 22.83 -13.79
C THR B 183 -13.51 23.66 -13.98
N LEU B 184 -13.22 24.52 -13.01
CA LEU B 184 -12.11 25.45 -13.14
C LEU B 184 -10.79 24.76 -12.81
N CSO B 185 -10.80 23.99 -11.72
CA CSO B 185 -9.60 23.45 -11.12
CB CSO B 185 -8.72 24.55 -10.49
SG CSO B 185 -7.15 23.98 -9.78
C CSO B 185 -10.04 22.42 -10.11
O CSO B 185 -10.93 22.65 -9.30
OD CSO B 185 -7.69 23.44 -8.26
N ILE B 186 -9.42 21.25 -10.15
CA ILE B 186 -9.76 20.21 -9.21
C ILE B 186 -8.62 20.11 -8.22
N SER B 187 -8.91 20.35 -6.94
CA SER B 187 -7.89 20.26 -5.92
C SER B 187 -7.95 18.88 -5.29
N ASN B 188 -6.81 18.32 -4.93
CA ASN B 188 -6.84 17.02 -4.29
C ASN B 188 -5.52 16.77 -3.58
N GLU B 189 -5.41 15.61 -2.97
CA GLU B 189 -4.23 15.29 -2.19
C GLU B 189 -3.99 13.80 -2.30
N LEU B 190 -2.75 13.43 -2.61
CA LEU B 190 -2.43 12.02 -2.66
C LEU B 190 -2.41 11.51 -1.22
N ILE B 191 -3.27 10.55 -0.90
CA ILE B 191 -3.31 10.03 0.46
C ILE B 191 -2.46 8.75 0.56
N GLN B 192 -2.57 7.88 -0.44
CA GLN B 192 -1.82 6.64 -0.38
C GLN B 192 -0.36 6.85 -0.80
N SER B 193 0.41 5.76 -0.77
CA SER B 193 1.82 5.77 -1.10
C SER B 193 1.96 6.14 -2.58
N SER B 194 0.93 5.83 -3.35
CA SER B 194 0.96 6.08 -4.78
C SER B 194 -0.44 6.08 -5.29
N GLY B 195 -0.64 6.61 -6.50
CA GLY B 195 -1.96 6.68 -7.08
C GLY B 195 -1.88 6.85 -8.58
N THR B 196 -3.04 6.95 -9.22
CA THR B 196 -3.09 7.18 -10.65
C THR B 196 -4.12 8.26 -11.00
N PHE B 197 -3.93 8.89 -12.15
CA PHE B 197 -5.00 9.62 -12.82
C PHE B 197 -5.08 9.13 -14.24
N SER B 198 -6.28 9.10 -14.80
CA SER B 198 -6.44 8.68 -16.17
C SER B 198 -7.62 9.39 -16.81
N PHE B 199 -7.60 9.49 -18.12
CA PHE B 199 -8.70 10.10 -18.85
C PHE B 199 -8.63 9.59 -20.27
N SER B 200 -9.75 9.58 -20.97
CA SER B 200 -9.81 8.96 -22.29
C SER B 200 -9.80 9.98 -23.42
N GLU B 201 -10.15 11.22 -23.11
CA GLU B 201 -10.18 12.27 -24.12
C GLU B 201 -9.69 13.60 -23.56
N GLY B 202 -9.06 14.39 -24.44
CA GLY B 202 -8.71 15.75 -24.11
C GLY B 202 -7.27 15.95 -23.65
N ILE B 203 -7.02 17.10 -23.02
CA ILE B 203 -5.69 17.49 -22.61
C ILE B 203 -5.75 18.11 -21.23
N LEU B 204 -4.92 17.60 -20.31
CA LEU B 204 -5.08 17.95 -18.90
C LEU B 204 -3.78 18.41 -18.26
N MSE B 205 -3.87 19.48 -17.48
CA MSE B 205 -2.71 19.99 -16.76
C MSE B 205 -2.71 19.51 -15.32
O MSE B 205 -3.72 19.60 -14.64
CB MSE B 205 -2.68 21.51 -16.82
CG MSE B 205 -1.56 22.12 -16.01
SE MSE B 205 -1.45 24.08 -16.13
CE MSE B 205 -3.31 24.54 -15.83
N MSE B 206 -1.57 19.02 -14.85
CA MSE B 206 -1.41 18.75 -13.43
C MSE B 206 -0.37 19.66 -12.78
O MSE B 206 0.71 19.83 -13.31
CB MSE B 206 -1.03 17.29 -13.15
CG MSE B 206 -0.82 17.02 -11.66
SE MSE B 206 -0.37 15.16 -11.17
CE MSE B 206 1.22 14.90 -12.30
N ILE B 207 -0.72 20.24 -11.65
CA ILE B 207 0.25 20.95 -10.84
C ILE B 207 0.33 20.34 -9.44
N ARG B 208 1.53 19.92 -9.05
CA ARG B 208 1.78 19.49 -7.69
C ARG B 208 2.58 20.58 -7.05
N SER B 209 2.16 21.03 -5.88
CA SER B 209 2.80 22.17 -5.28
C SER B 209 2.98 22.03 -3.78
N SER B 210 3.68 22.99 -3.21
CA SER B 210 3.89 23.07 -1.77
C SER B 210 3.84 24.53 -1.37
N ASP B 211 3.74 24.79 -0.07
CA ASP B 211 3.94 26.14 0.46
C ASP B 211 4.56 26.03 1.87
N SER B 212 4.80 27.17 2.52
CA SER B 212 5.40 27.17 3.85
C SER B 212 4.71 26.15 4.77
N SER B 213 3.38 26.17 4.76
CA SER B 213 2.60 25.23 5.55
C SER B 213 2.96 23.79 5.25
N CYS B 214 3.11 23.48 3.96
CA CYS B 214 3.46 22.13 3.54
C CYS B 214 4.77 21.68 4.18
N LEU B 215 4.64 21.03 5.34
CA LEU B 215 5.77 20.56 6.14
C LEU B 215 5.18 19.57 7.15
N LEU B 216 3.89 19.32 6.99
CA LEU B 216 3.15 18.35 7.76
C LEU B 216 4.06 17.33 8.44
#